data_2FB4
#
_entry.id   2FB4
#
_cell.length_a   78.300
_cell.length_b   138.900
_cell.length_c   40.000
_cell.angle_alpha   90.00
_cell.angle_beta   90.00
_cell.angle_gamma   90.00
#
_symmetry.space_group_name_H-M   'P 21 21 21'
#
loop_
_entity.id
_entity.type
_entity.pdbx_description
1 polymer 'IGG1-LAMBDA KOL FAB (LIGHT CHAIN)'
2 polymer 'IGG1-LAMBDA KOL FAB (HEAVY CHAIN)'
3 water water
#
loop_
_entity_poly.entity_id
_entity_poly.type
_entity_poly.pdbx_seq_one_letter_code
_entity_poly.pdbx_strand_id
1 'polypeptide(L)'
;QSVLTQPPSASGTPGQRVTISCSGTSSNIGSSTVNWYQQLPGMAPKLLIYRDAMRPSGVPDRFSGSKSGASASLAIGGLQ
SEDETDYYCAAWDVSLNAYVFGTGTKVTVLGQPKANPTVTLFPPSSEELQANKATLVCLISDFYPGAVTVAWKADGSPVK
AGVETTKPSKQSNNKYAASSYLSLTPEQWKSHRSYSCQVTHEGSTVEKTVAPTECS
;
L
2 'polypeptide(L)'
;EVQLVQSGGGVVQPGRSLRLSCSSSGFIFSSYAMYWVRQAPGKGLEWVAIIWDDGSDQHYADSVKGRFTISRNDSKNTLF
LQMDSLRPEDTGVYFCARDGGHGFCSSASCFGPDYWGQGTPVTVSSASTKGPSVFPLAPSSKSTSGGTAALGCLVKDYFP
QPVTVSWNSGALTSGVHTFPAVLQSSGLYSLSSVVTVPSSSLGTQTYICNVNHKPSNTKVDKRVEPKSC
;
H
#
# COMPACT_ATOMS: atom_id res chain seq x y z
N GLN A 1 -22.24 -4.92 -16.95
CA GLN A 1 -21.98 -4.39 -15.60
C GLN A 1 -20.55 -4.58 -15.11
N SER A 2 -20.30 -3.99 -13.97
CA SER A 2 -18.95 -3.63 -13.54
C SER A 2 -18.22 -4.68 -12.70
N VAL A 3 -17.40 -5.45 -13.43
CA VAL A 3 -16.24 -6.31 -13.03
C VAL A 3 -15.92 -7.61 -13.80
N LEU A 4 -14.65 -7.83 -14.12
CA LEU A 4 -14.28 -9.19 -14.55
C LEU A 4 -13.88 -10.02 -13.31
N THR A 5 -14.14 -11.28 -13.29
CA THR A 5 -13.79 -12.06 -12.09
C THR A 5 -12.51 -12.87 -12.25
N GLN A 6 -11.57 -12.64 -11.35
CA GLN A 6 -10.35 -13.45 -11.26
C GLN A 6 -10.29 -14.11 -9.89
N PRO A 7 -9.65 -15.25 -9.83
CA PRO A 7 -9.27 -15.89 -8.56
C PRO A 7 -8.23 -15.06 -7.81
N PRO A 8 -8.43 -14.82 -6.51
CA PRO A 8 -7.63 -13.85 -5.72
C PRO A 8 -6.17 -14.26 -5.58
N SER A 9 -5.92 -15.53 -5.75
CA SER A 9 -4.56 -16.01 -5.76
C SER A 9 -4.35 -17.25 -6.61
N ALA A 10 -3.11 -17.37 -7.02
CA ALA A 10 -2.63 -18.55 -7.74
C ALA A 10 -1.20 -18.86 -7.34
N SER A 11 -0.89 -20.11 -7.08
CA SER A 11 0.45 -20.39 -6.53
C SER A 11 1.08 -21.55 -7.27
N GLY A 12 2.32 -21.72 -7.02
CA GLY A 12 3.00 -22.95 -7.44
C GLY A 12 4.50 -22.96 -7.16
N THR A 13 5.16 -24.08 -7.38
CA THR A 13 6.60 -24.05 -7.13
C THR A 13 7.32 -23.67 -8.41
N PRO A 14 8.51 -23.13 -8.27
CA PRO A 14 9.29 -22.61 -9.42
C PRO A 14 9.51 -23.63 -10.54
N GLY A 15 9.12 -23.28 -11.75
CA GLY A 15 9.18 -24.22 -12.87
C GLY A 15 7.85 -24.89 -13.20
N GLN A 16 6.89 -24.80 -12.35
CA GLN A 16 5.58 -25.36 -12.62
C GLN A 16 4.81 -24.52 -13.65
N ARG A 17 3.80 -25.04 -14.19
CA ARG A 17 2.88 -24.26 -14.99
C ARG A 17 1.77 -23.72 -14.11
N VAL A 18 1.63 -22.40 -14.10
CA VAL A 18 0.54 -21.76 -13.36
C VAL A 18 -0.30 -20.91 -14.29
N THR A 19 -1.60 -21.17 -14.27
CA THR A 19 -2.53 -20.39 -15.09
C THR A 19 -3.52 -19.63 -14.22
N ILE A 20 -3.99 -18.53 -14.76
CA ILE A 20 -4.91 -17.59 -14.13
C ILE A 20 -6.17 -17.39 -14.98
N SER A 21 -7.33 -17.65 -14.42
CA SER A 21 -8.56 -17.43 -15.19
C SER A 21 -9.22 -16.07 -14.91
N CYS A 22 -10.13 -15.69 -15.80
CA CYS A 22 -10.76 -14.38 -15.90
C CYS A 22 -12.13 -14.54 -16.54
N SER A 23 -13.14 -14.47 -15.73
CA SER A 23 -14.49 -14.86 -16.14
C SER A 23 -15.34 -13.63 -16.37
N GLY A 24 -15.92 -13.52 -17.54
CA GLY A 24 -16.67 -12.30 -17.88
C GLY A 24 -18.10 -12.59 -18.30
N THR A 25 -18.67 -11.73 -19.10
CA THR A 25 -19.98 -11.91 -19.73
C THR A 25 -19.90 -11.70 -21.24
N SER A 26 -21.03 -11.95 -21.85
CA SER A 26 -21.28 -11.76 -23.27
C SER A 26 -20.88 -10.41 -23.81
N SER A 27 -21.08 -9.43 -22.99
CA SER A 27 -20.97 -8.01 -23.35
C SER A 27 -19.54 -7.45 -23.32
N ASN A 28 -18.67 -8.12 -22.60
CA ASN A 28 -17.25 -7.77 -22.55
C ASN A 28 -16.35 -8.81 -23.21
N ILE A 29 -15.95 -9.85 -22.52
CA ILE A 29 -15.06 -10.89 -23.04
C ILE A 29 -15.73 -11.61 -24.21
N GLY A 30 -17.01 -11.81 -24.10
CA GLY A 30 -17.76 -12.43 -25.19
C GLY A 30 -17.79 -11.59 -26.46
N SER A 31 -17.53 -10.31 -26.34
CA SER A 31 -17.69 -9.38 -27.45
C SER A 31 -16.43 -8.77 -28.02
N SER A 32 -15.42 -8.68 -27.17
CA SER A 32 -14.22 -7.86 -27.30
C SER A 32 -12.95 -8.67 -26.97
N THR A 33 -11.78 -8.19 -27.27
CA THR A 33 -10.50 -8.83 -26.96
C THR A 33 -10.04 -8.53 -25.53
N VAL A 34 -9.20 -9.40 -25.00
CA VAL A 34 -8.72 -9.31 -23.60
C VAL A 34 -7.22 -9.02 -23.53
N ASN A 35 -6.85 -8.09 -22.65
CA ASN A 35 -5.49 -7.75 -22.32
C ASN A 35 -5.17 -8.28 -20.92
N TRP A 36 -3.91 -8.56 -20.65
CA TRP A 36 -3.40 -8.90 -19.34
C TRP A 36 -2.32 -7.92 -18.97
N TYR A 37 -2.32 -7.51 -17.70
CA TYR A 37 -1.36 -6.60 -17.10
C TYR A 37 -0.73 -7.26 -15.88
N GLN A 38 0.54 -6.98 -15.75
CA GLN A 38 1.32 -7.37 -14.60
C GLN A 38 1.64 -6.15 -13.74
N GLN A 39 1.31 -6.19 -12.47
CA GLN A 39 1.55 -4.97 -11.67
C GLN A 39 2.03 -5.28 -10.26
N LEU A 40 3.04 -4.54 -9.86
CA LEU A 40 3.39 -4.37 -8.45
C LEU A 40 2.51 -3.26 -7.83
N PRO A 41 1.81 -3.56 -6.75
CA PRO A 41 0.79 -2.68 -6.17
C PRO A 41 1.18 -1.20 -5.98
N GLY A 42 0.31 -0.35 -6.50
CA GLY A 42 0.50 1.11 -6.48
C GLY A 42 1.49 1.62 -7.52
N MET A 43 2.14 0.70 -8.19
CA MET A 43 3.12 1.12 -9.20
C MET A 43 2.55 0.90 -10.58
N ALA A 44 3.06 1.56 -11.59
CA ALA A 44 2.54 1.40 -12.95
C ALA A 44 2.44 -0.05 -13.42
N PRO A 45 1.31 -0.47 -13.88
CA PRO A 45 1.23 -1.75 -14.58
C PRO A 45 2.05 -1.73 -15.87
N LYS A 46 2.16 -2.91 -16.43
CA LYS A 46 2.82 -3.17 -17.69
C LYS A 46 2.00 -4.16 -18.50
N LEU A 47 1.72 -3.84 -19.77
CA LEU A 47 1.02 -4.75 -20.69
C LEU A 47 1.84 -6.02 -20.97
N LEU A 48 1.22 -7.16 -20.73
CA LEU A 48 1.86 -8.48 -20.88
C LEU A 48 1.35 -9.23 -22.09
N ILE A 49 0.05 -9.15 -22.27
CA ILE A 49 -0.71 -9.73 -23.39
C ILE A 49 -1.76 -8.75 -23.94
N TYR A 50 -1.77 -8.53 -25.23
CA TYR A 50 -2.87 -7.75 -25.85
C TYR A 50 -3.64 -8.59 -26.85
N ARG A 51 -4.85 -8.16 -27.11
CA ARG A 51 -5.72 -8.79 -28.10
C ARG A 51 -5.75 -10.30 -27.95
N ASP A 52 -6.14 -10.78 -26.77
CA ASP A 52 -6.25 -12.19 -26.36
C ASP A 52 -4.90 -12.90 -26.19
N ALA A 53 -4.07 -12.85 -27.21
CA ALA A 53 -2.98 -13.81 -27.28
C ALA A 53 -1.69 -13.26 -27.83
N MET A 54 -1.69 -12.00 -28.16
CA MET A 54 -0.44 -11.34 -28.55
C MET A 54 0.45 -10.92 -27.38
N ARG A 55 1.73 -10.91 -27.64
CA ARG A 55 2.74 -10.41 -26.72
C ARG A 55 3.52 -9.23 -27.28
N PRO A 56 3.67 -8.18 -26.52
CA PRO A 56 4.64 -7.12 -26.81
C PRO A 56 6.09 -7.62 -26.67
N SER A 57 6.97 -7.01 -27.44
CA SER A 57 8.36 -7.36 -27.46
C SER A 57 9.00 -6.97 -26.14
N GLY A 58 9.75 -7.91 -25.60
CA GLY A 58 10.32 -7.77 -24.26
C GLY A 58 9.64 -8.69 -23.25
N VAL A 59 8.41 -9.05 -23.54
CA VAL A 59 7.71 -10.04 -22.72
C VAL A 59 8.14 -11.45 -23.07
N PRO A 60 8.64 -12.14 -22.06
CA PRO A 60 9.05 -13.56 -22.13
C PRO A 60 8.03 -14.52 -22.74
N ASP A 61 8.57 -15.44 -23.52
CA ASP A 61 7.88 -16.48 -24.26
C ASP A 61 7.04 -17.39 -23.38
N ARG A 62 7.28 -17.37 -22.08
CA ARG A 62 6.58 -18.28 -21.15
C ARG A 62 5.17 -17.84 -20.74
N PHE A 63 4.88 -16.64 -21.14
CA PHE A 63 3.54 -16.03 -21.03
C PHE A 63 2.75 -16.22 -22.30
N SER A 64 1.61 -16.85 -22.14
CA SER A 64 0.65 -17.06 -23.22
C SER A 64 -0.77 -16.64 -22.83
N GLY A 65 -1.56 -16.29 -23.80
CA GLY A 65 -2.95 -15.98 -23.51
C GLY A 65 -3.93 -16.82 -24.29
N SER A 66 -5.08 -17.00 -23.76
CA SER A 66 -6.13 -17.70 -24.46
C SER A 66 -7.54 -17.13 -24.17
N LYS A 67 -8.44 -17.19 -25.13
CA LYS A 67 -9.80 -16.75 -24.91
C LYS A 67 -10.79 -17.70 -25.53
N SER A 68 -11.95 -17.87 -24.95
CA SER A 68 -13.05 -18.59 -25.56
C SER A 68 -14.35 -18.26 -24.86
N GLY A 69 -15.31 -17.90 -25.68
CA GLY A 69 -16.62 -17.49 -25.16
C GLY A 69 -16.45 -16.25 -24.30
N ALA A 70 -16.96 -16.35 -23.13
CA ALA A 70 -16.86 -15.27 -22.15
C ALA A 70 -15.77 -15.48 -21.09
N SER A 71 -14.87 -16.37 -21.38
CA SER A 71 -13.74 -16.61 -20.51
C SER A 71 -12.37 -16.58 -21.20
N ALA A 72 -11.41 -16.15 -20.42
CA ALA A 72 -10.02 -15.97 -20.85
C ALA A 72 -9.07 -16.48 -19.80
N SER A 73 -7.88 -16.79 -20.23
CA SER A 73 -6.87 -17.19 -19.27
C SER A 73 -5.50 -16.64 -19.63
N LEU A 74 -4.67 -16.51 -18.60
CA LEU A 74 -3.22 -16.29 -18.74
C LEU A 74 -2.47 -17.55 -18.29
N ALA A 75 -1.53 -18.01 -19.06
CA ALA A 75 -0.60 -19.14 -18.72
C ALA A 75 0.83 -18.66 -18.53
N ILE A 76 1.39 -19.06 -17.39
CA ILE A 76 2.80 -18.86 -17.04
C ILE A 76 3.55 -20.19 -17.02
N GLY A 77 4.33 -20.36 -18.04
CA GLY A 77 4.76 -21.73 -18.30
C GLY A 77 6.15 -21.97 -17.77
N GLY A 78 6.23 -22.27 -16.50
CA GLY A 78 7.54 -22.28 -15.87
C GLY A 78 7.72 -21.07 -14.96
N LEU A 79 6.98 -21.12 -13.90
CA LEU A 79 6.94 -20.10 -12.85
C LEU A 79 8.36 -19.81 -12.34
N GLN A 80 8.71 -18.54 -12.38
CA GLN A 80 10.03 -18.06 -11.90
C GLN A 80 9.75 -17.05 -10.75
N SER A 81 10.79 -16.77 -9.97
CA SER A 81 10.71 -15.86 -8.80
C SER A 81 10.23 -14.44 -9.17
N GLU A 82 10.53 -14.04 -10.40
CA GLU A 82 10.18 -12.69 -10.88
C GLU A 82 8.69 -12.49 -11.07
N ASP A 83 8.03 -13.61 -11.21
CA ASP A 83 6.61 -13.73 -11.48
C ASP A 83 5.75 -13.52 -10.23
N GLU A 84 6.38 -13.23 -9.10
CA GLU A 84 5.49 -12.89 -7.99
C GLU A 84 4.97 -11.46 -8.01
N THR A 85 3.83 -11.30 -8.63
CA THR A 85 3.17 -9.99 -8.71
C THR A 85 1.64 -10.12 -8.74
N ASP A 86 0.97 -8.98 -8.90
CA ASP A 86 -0.43 -8.97 -9.31
C ASP A 86 -0.59 -9.08 -10.83
N TYR A 87 -1.69 -9.68 -11.22
CA TYR A 87 -2.09 -9.79 -12.62
C TYR A 87 -3.55 -9.36 -12.81
N TYR A 88 -3.79 -8.51 -13.79
CA TYR A 88 -5.17 -8.11 -14.14
C TYR A 88 -5.48 -8.49 -15.58
N CYS A 89 -6.66 -9.01 -15.82
CA CYS A 89 -7.19 -9.04 -17.20
C CYS A 89 -8.10 -7.82 -17.42
N ALA A 90 -8.32 -7.47 -18.68
CA ALA A 90 -9.12 -6.29 -19.02
C ALA A 90 -9.77 -6.37 -20.39
N ALA A 91 -10.92 -5.71 -20.53
CA ALA A 91 -11.71 -5.72 -21.75
C ALA A 91 -12.78 -4.64 -21.73
N TRP A 92 -13.06 -4.15 -22.90
CA TRP A 92 -14.10 -3.18 -23.24
C TRP A 92 -15.48 -3.82 -23.26
N ASP A 93 -16.40 -3.19 -22.61
CA ASP A 93 -17.76 -3.70 -22.54
C ASP A 93 -18.60 -2.84 -23.51
N VAL A 94 -19.07 -3.47 -24.58
CA VAL A 94 -19.83 -2.78 -25.67
C VAL A 94 -21.22 -2.23 -25.19
N SER A 95 -21.87 -2.88 -24.22
CA SER A 95 -23.20 -2.41 -23.73
C SER A 95 -23.05 -1.18 -22.80
N LEU A 96 -22.10 -1.27 -21.89
CA LEU A 96 -21.82 -0.22 -20.89
C LEU A 96 -20.96 0.91 -21.42
N ASN A 97 -20.39 0.72 -22.59
CA ASN A 97 -19.34 1.62 -23.02
C ASN A 97 -18.32 1.89 -21.91
N ALA A 98 -17.72 0.88 -21.41
CA ALA A 98 -16.69 1.08 -20.39
C ALA A 98 -15.58 0.06 -20.55
N TYR A 99 -14.41 0.46 -20.11
CA TYR A 99 -13.25 -0.40 -20.04
C TYR A 99 -13.13 -1.06 -18.68
N VAL A 100 -13.25 -2.37 -18.65
CA VAL A 100 -13.45 -3.11 -17.40
C VAL A 100 -12.21 -3.88 -16.96
N PHE A 101 -11.73 -3.61 -15.75
CA PHE A 101 -10.66 -4.47 -15.18
C PHE A 101 -11.17 -5.69 -14.46
N GLY A 102 -10.31 -6.69 -14.42
CA GLY A 102 -10.54 -7.86 -13.59
C GLY A 102 -10.23 -7.51 -12.13
N THR A 103 -10.74 -8.32 -11.20
CA THR A 103 -10.56 -8.06 -9.75
C THR A 103 -9.14 -8.37 -9.33
N GLY A 104 -8.45 -9.14 -10.16
CA GLY A 104 -7.00 -9.32 -10.00
C GLY A 104 -6.59 -10.53 -9.18
N THR A 105 -5.38 -10.98 -9.48
CA THR A 105 -4.78 -12.21 -8.93
C THR A 105 -3.37 -11.97 -8.44
N LYS A 106 -3.13 -12.38 -7.23
CA LYS A 106 -1.76 -12.43 -6.69
C LYS A 106 -1.10 -13.80 -6.86
N VAL A 107 0.08 -13.83 -7.38
CA VAL A 107 0.83 -15.08 -7.49
C VAL A 107 1.86 -15.19 -6.38
N THR A 108 2.00 -16.34 -5.83
CA THR A 108 3.14 -16.59 -4.93
C THR A 108 3.91 -17.82 -5.40
N VAL A 109 5.21 -17.62 -5.45
CA VAL A 109 6.22 -18.64 -5.78
C VAL A 109 6.55 -19.43 -4.52
N LEU A 110 5.95 -20.58 -4.49
CA LEU A 110 5.87 -21.43 -3.32
C LEU A 110 7.23 -21.95 -2.89
N GLY A 111 7.24 -22.25 -1.63
CA GLY A 111 8.45 -22.55 -0.88
C GLY A 111 8.86 -21.28 -0.18
N GLN A 112 10.16 -21.03 -0.20
CA GLN A 112 10.82 -19.99 0.58
C GLN A 112 10.76 -20.38 2.04
N PRO A 113 11.92 -20.40 2.65
CA PRO A 113 12.04 -20.79 4.05
C PRO A 113 11.18 -19.88 4.94
N LYS A 114 10.41 -20.54 5.76
CA LYS A 114 9.75 -19.96 6.92
C LYS A 114 10.80 -19.28 7.78
N ALA A 115 10.48 -18.06 8.17
CA ALA A 115 11.27 -17.21 9.06
C ALA A 115 10.44 -16.77 10.28
N ASN A 116 10.85 -17.21 11.46
CA ASN A 116 10.26 -16.81 12.76
C ASN A 116 10.28 -15.30 13.00
N PRO A 117 9.30 -14.74 13.57
CA PRO A 117 9.30 -13.30 13.89
C PRO A 117 10.16 -12.90 15.10
N THR A 118 10.66 -11.67 15.04
CA THR A 118 11.28 -10.94 16.16
C THR A 118 10.27 -10.00 16.80
N VAL A 119 9.94 -10.27 18.04
CA VAL A 119 8.94 -9.48 18.78
C VAL A 119 9.56 -8.48 19.76
N THR A 120 9.27 -7.20 19.54
CA THR A 120 9.78 -6.17 20.42
C THR A 120 8.67 -5.35 21.05
N LEU A 121 8.57 -5.39 22.35
CA LEU A 121 7.45 -4.80 23.08
C LEU A 121 7.84 -3.55 23.90
N PHE A 122 7.14 -2.42 23.69
CA PHE A 122 7.31 -1.23 24.56
C PHE A 122 6.08 -0.89 25.39
N PRO A 123 6.28 -0.63 26.66
CA PRO A 123 5.21 -0.14 27.54
C PRO A 123 5.00 1.36 27.23
N PRO A 124 3.93 1.93 27.78
CA PRO A 124 3.72 3.38 27.74
C PRO A 124 4.90 4.16 28.29
N SER A 125 5.17 5.22 27.56
CA SER A 125 6.01 6.34 27.99
C SER A 125 5.42 7.01 29.24
N SER A 126 6.30 7.43 30.13
CA SER A 126 5.96 8.36 31.23
C SER A 126 5.23 9.62 30.73
N GLU A 127 5.82 10.23 29.73
CA GLU A 127 5.34 11.50 29.18
C GLU A 127 3.97 11.34 28.52
N GLU A 128 3.70 10.17 28.02
CA GLU A 128 2.38 9.92 27.50
C GLU A 128 1.39 9.59 28.59
N LEU A 129 1.88 9.01 29.67
CA LEU A 129 1.04 8.78 30.86
C LEU A 129 0.60 10.09 31.51
N GLN A 130 1.48 11.08 31.45
CA GLN A 130 1.16 12.43 31.92
C GLN A 130 0.07 13.10 31.13
N ALA A 131 0.05 12.80 29.86
CA ALA A 131 -0.96 13.27 28.93
C ALA A 131 -2.23 12.50 29.12
N ASN A 132 -2.25 11.63 30.13
CA ASN A 132 -3.42 10.82 30.47
C ASN A 132 -3.83 9.78 29.42
N LYS A 133 -2.87 9.34 28.67
CA LYS A 133 -3.10 8.27 27.67
C LYS A 133 -2.14 7.11 27.92
N ALA A 134 -2.30 6.01 27.19
CA ALA A 134 -1.30 4.91 27.22
C ALA A 134 -1.33 4.01 25.99
N THR A 135 -0.21 3.97 25.35
CA THR A 135 -0.06 3.07 24.22
C THR A 135 1.04 2.05 24.48
N LEU A 136 0.68 0.82 24.29
CA LEU A 136 1.64 -0.30 24.27
C LEU A 136 1.91 -0.65 22.82
N VAL A 137 3.17 -0.84 22.49
CA VAL A 137 3.59 -1.08 21.10
C VAL A 137 4.31 -2.43 20.97
N CYS A 138 3.73 -3.29 20.15
CA CYS A 138 4.33 -4.56 19.78
C CYS A 138 4.79 -4.61 18.32
N LEU A 139 6.07 -4.61 18.14
CA LEU A 139 6.68 -4.58 16.82
C LEU A 139 7.25 -5.94 16.45
N ILE A 140 6.91 -6.40 15.26
CA ILE A 140 7.05 -7.78 14.76
C ILE A 140 7.72 -7.80 13.37
N SER A 141 8.97 -8.24 13.33
CA SER A 141 9.85 -8.09 12.14
C SER A 141 10.19 -9.44 11.53
N ASP A 142 10.94 -9.32 10.42
CA ASP A 142 11.69 -10.42 9.80
C ASP A 142 11.03 -11.78 9.79
N PHE A 143 9.74 -11.78 9.52
CA PHE A 143 8.98 -13.02 9.33
C PHE A 143 8.60 -13.35 7.89
N TYR A 144 8.53 -14.62 7.65
CA TYR A 144 8.00 -15.22 6.41
C TYR A 144 7.34 -16.57 6.76
N PRO A 145 6.13 -16.84 6.31
CA PRO A 145 5.31 -15.98 5.43
C PRO A 145 4.66 -14.82 6.18
N GLY A 146 3.94 -13.97 5.44
CA GLY A 146 3.35 -12.77 6.03
C GLY A 146 2.01 -13.01 6.71
N ALA A 147 1.87 -14.06 7.47
CA ALA A 147 0.60 -14.28 8.17
C ALA A 147 0.75 -14.51 9.67
N VAL A 148 0.47 -13.49 10.45
CA VAL A 148 0.57 -13.60 11.90
C VAL A 148 -0.72 -13.27 12.65
N THR A 149 -0.75 -13.69 13.88
CA THR A 149 -1.89 -13.53 14.74
C THR A 149 -1.43 -12.94 16.06
N VAL A 150 -1.79 -11.72 16.30
CA VAL A 150 -1.32 -11.00 17.48
C VAL A 150 -2.41 -10.95 18.52
N ALA A 151 -2.10 -11.37 19.74
CA ALA A 151 -3.05 -11.23 20.84
C ALA A 151 -2.46 -10.41 21.96
N TRP A 152 -3.30 -9.68 22.66
CA TRP A 152 -2.85 -8.97 23.85
C TRP A 152 -3.50 -9.56 25.09
N LYS A 153 -2.69 -9.70 26.09
CA LYS A 153 -3.08 -10.33 27.34
C LYS A 153 -2.65 -9.45 28.50
N ALA A 154 -3.50 -9.36 29.51
CA ALA A 154 -3.24 -8.62 30.75
C ALA A 154 -3.38 -9.58 31.94
N ASP A 155 -2.30 -9.73 32.67
CA ASP A 155 -2.18 -10.76 33.71
C ASP A 155 -2.51 -12.16 33.17
N GLY A 156 -3.55 -12.78 33.61
CA GLY A 156 -3.88 -14.07 32.96
C GLY A 156 -4.97 -14.05 31.89
N SER A 157 -5.14 -12.94 31.19
CA SER A 157 -6.42 -12.68 30.50
C SER A 157 -6.34 -11.84 29.24
N PRO A 158 -7.07 -12.28 28.22
CA PRO A 158 -7.17 -11.61 26.93
C PRO A 158 -7.69 -10.17 27.00
N VAL A 159 -6.93 -9.26 26.41
CA VAL A 159 -7.32 -7.86 26.30
C VAL A 159 -8.38 -7.62 25.23
N LYS A 160 -9.50 -7.07 25.68
CA LYS A 160 -10.74 -6.80 24.93
C LYS A 160 -10.55 -5.96 23.66
N ALA A 161 -10.46 -4.68 23.88
CA ALA A 161 -10.51 -3.70 22.81
C ALA A 161 -9.31 -2.79 22.92
N GLY A 162 -9.22 -1.89 21.97
CA GLY A 162 -8.18 -0.87 21.94
C GLY A 162 -6.97 -1.35 21.16
N VAL A 163 -7.11 -2.45 20.47
CA VAL A 163 -6.00 -2.99 19.66
C VAL A 163 -6.03 -2.54 18.19
N GLU A 164 -5.05 -1.82 17.70
CA GLU A 164 -4.88 -1.65 16.24
C GLU A 164 -3.72 -2.48 15.70
N THR A 165 -3.95 -3.35 14.74
CA THR A 165 -2.86 -4.12 14.13
C THR A 165 -2.69 -3.89 12.62
N THR A 166 -1.48 -3.56 12.18
CA THR A 166 -1.26 -3.39 10.74
C THR A 166 -1.28 -4.73 10.01
N LYS A 167 -1.55 -4.61 8.73
CA LYS A 167 -1.43 -5.76 7.84
C LYS A 167 0.03 -5.84 7.45
N PRO A 168 0.58 -7.01 7.50
CA PRO A 168 2.00 -7.21 7.24
C PRO A 168 2.43 -6.75 5.86
N SER A 169 3.60 -6.20 5.81
CA SER A 169 4.12 -5.55 4.63
C SER A 169 5.53 -6.00 4.36
N LYS A 170 5.74 -6.34 3.12
CA LYS A 170 6.99 -6.92 2.71
C LYS A 170 8.05 -5.85 2.76
N GLN A 171 9.22 -6.25 3.21
CA GLN A 171 10.43 -5.44 3.17
C GLN A 171 11.27 -5.78 1.95
N SER A 172 12.30 -5.04 1.71
CA SER A 172 13.22 -5.32 0.58
C SER A 172 14.01 -6.61 0.80
N ASN A 173 13.94 -6.98 2.04
CA ASN A 173 14.38 -8.23 2.70
C ASN A 173 13.82 -9.51 2.07
N ASN A 174 12.60 -9.35 1.58
CA ASN A 174 11.64 -10.41 1.20
C ASN A 174 10.98 -11.07 2.41
N LYS A 175 11.20 -10.47 3.54
CA LYS A 175 10.48 -10.79 4.77
C LYS A 175 9.56 -9.64 5.12
N TYR A 176 8.65 -9.92 6.05
CA TYR A 176 7.55 -9.07 6.45
C TYR A 176 7.77 -8.33 7.77
N ALA A 177 6.95 -7.31 7.97
CA ALA A 177 6.88 -6.49 9.20
C ALA A 177 5.46 -6.08 9.54
N ALA A 178 5.22 -5.93 10.80
CA ALA A 178 3.88 -5.59 11.28
C ALA A 178 4.01 -4.98 12.67
N SER A 179 3.06 -4.14 12.99
CA SER A 179 2.96 -3.44 14.27
C SER A 179 1.61 -3.81 14.87
N SER A 180 1.54 -3.72 16.18
CA SER A 180 0.26 -3.72 16.89
C SER A 180 0.28 -2.81 18.11
N TYR A 181 -0.76 -2.01 18.22
CA TYR A 181 -0.89 -0.95 19.21
C TYR A 181 -2.06 -1.16 20.15
N LEU A 182 -1.77 -1.17 21.41
CA LEU A 182 -2.85 -1.30 22.37
C LEU A 182 -3.09 0.00 23.15
N SER A 183 -4.29 0.48 23.05
CA SER A 183 -4.61 1.74 23.70
C SER A 183 -5.36 1.48 25.00
N LEU A 184 -4.83 2.06 26.03
CA LEU A 184 -5.45 2.04 27.37
C LEU A 184 -5.38 3.37 28.09
N THR A 185 -6.07 3.35 29.19
CA THR A 185 -5.93 4.42 30.16
C THR A 185 -4.82 4.04 31.11
N PRO A 186 -4.13 5.06 31.57
CA PRO A 186 -3.07 4.94 32.59
C PRO A 186 -3.55 4.22 33.84
N GLU A 187 -4.84 4.23 34.07
CA GLU A 187 -5.37 3.45 35.18
C GLU A 187 -5.51 1.96 34.92
N GLN A 188 -6.04 1.61 33.75
CA GLN A 188 -6.01 0.23 33.25
C GLN A 188 -4.58 -0.34 33.28
N TRP A 189 -3.68 0.43 32.68
CA TRP A 189 -2.28 0.09 32.63
C TRP A 189 -1.83 -0.27 34.03
N LYS A 190 -2.11 0.63 34.95
CA LYS A 190 -1.53 0.48 36.28
C LYS A 190 -2.31 -0.49 37.16
N SER A 191 -3.44 -0.92 36.69
CA SER A 191 -4.25 -1.80 37.52
C SER A 191 -3.96 -3.29 37.31
N HIS A 192 -3.01 -3.59 36.43
CA HIS A 192 -2.52 -4.98 36.25
C HIS A 192 -1.07 -5.21 36.65
N ARG A 193 -0.66 -6.46 36.88
CA ARG A 193 0.79 -6.58 37.10
C ARG A 193 1.66 -6.64 35.85
N SER A 194 1.06 -7.23 34.83
CA SER A 194 1.75 -7.55 33.57
C SER A 194 0.87 -7.45 32.32
N TYR A 195 1.52 -6.98 31.26
CA TYR A 195 0.93 -7.02 29.92
C TYR A 195 1.81 -7.81 28.94
N SER A 196 1.16 -8.62 28.14
CA SER A 196 1.78 -9.43 27.09
C SER A 196 1.26 -9.17 25.68
N CYS A 197 2.22 -9.20 24.80
CA CYS A 197 1.97 -9.33 23.36
C CYS A 197 2.34 -10.73 22.89
N GLN A 198 1.36 -11.48 22.44
CA GLN A 198 1.68 -12.78 21.91
C GLN A 198 1.39 -12.97 20.43
N VAL A 199 2.46 -13.35 19.74
CA VAL A 199 2.44 -13.53 18.29
C VAL A 199 2.59 -14.97 17.81
N THR A 200 1.56 -15.42 17.13
CA THR A 200 1.51 -16.79 16.60
C THR A 200 1.71 -16.79 15.11
N HIS A 201 2.72 -17.53 14.72
CA HIS A 201 3.22 -17.61 13.35
C HIS A 201 3.58 -19.05 13.01
N GLU A 202 2.77 -19.62 12.14
CA GLU A 202 2.94 -20.98 11.64
C GLU A 202 3.08 -22.00 12.77
N GLY A 203 2.16 -21.91 13.71
CA GLY A 203 2.02 -22.91 14.80
C GLY A 203 2.95 -22.65 15.97
N SER A 204 3.81 -21.69 15.78
CA SER A 204 4.73 -21.21 16.83
C SER A 204 4.27 -19.90 17.51
N THR A 205 4.22 -19.83 18.84
CA THR A 205 3.79 -18.60 19.56
C THR A 205 4.88 -18.04 20.45
N VAL A 206 5.31 -16.86 20.11
CA VAL A 206 6.20 -16.03 20.93
C VAL A 206 5.43 -15.00 21.75
N GLU A 207 5.85 -14.83 22.96
CA GLU A 207 5.30 -13.91 23.93
C GLU A 207 6.38 -13.00 24.53
N LYS A 208 6.10 -11.70 24.52
CA LYS A 208 6.91 -10.75 25.31
C LYS A 208 6.06 -10.11 26.39
N THR A 209 6.67 -9.78 27.51
CA THR A 209 5.95 -9.22 28.67
C THR A 209 6.56 -7.97 29.28
N VAL A 210 5.75 -6.91 29.50
CA VAL A 210 6.19 -5.66 30.16
C VAL A 210 5.33 -5.40 31.39
N ALA A 211 5.82 -4.57 32.30
CA ALA A 211 5.21 -4.34 33.64
C ALA A 211 5.42 -2.90 34.03
N PRO A 212 4.47 -2.29 34.66
CA PRO A 212 4.56 -0.90 35.03
C PRO A 212 5.76 -0.51 35.90
N THR A 213 6.50 -1.53 36.32
CA THR A 213 7.82 -1.56 37.01
C THR A 213 8.96 -0.74 36.42
N GLU A 214 8.75 0.54 36.29
CA GLU A 214 9.87 1.46 36.13
C GLU A 214 10.49 1.79 37.48
N CYS A 215 11.48 0.96 37.80
CA CYS A 215 12.39 1.05 38.94
C CYS A 215 11.84 0.38 40.20
N SER A 216 10.89 -0.49 40.00
CA SER A 216 10.24 -1.18 41.12
C SER A 216 10.67 -2.63 41.28
N GLU B 1 10.59 7.07 -27.31
CA GLU B 1 9.89 6.32 -26.27
C GLU B 1 8.77 7.14 -25.67
N VAL B 2 7.62 6.54 -25.60
CA VAL B 2 6.40 7.17 -25.10
C VAL B 2 6.60 7.38 -23.59
N GLN B 3 6.51 8.62 -23.15
CA GLN B 3 6.49 8.94 -21.73
C GLN B 3 5.15 9.59 -21.37
N LEU B 4 4.55 9.17 -20.25
CA LEU B 4 3.36 9.84 -19.66
C LEU B 4 3.67 10.24 -18.22
N VAL B 5 3.58 11.51 -17.89
CA VAL B 5 3.87 12.03 -16.52
C VAL B 5 2.65 12.73 -15.90
N GLN B 6 2.06 12.11 -14.91
CA GLN B 6 0.93 12.65 -14.13
C GLN B 6 1.38 13.62 -13.06
N SER B 7 0.53 14.58 -12.84
CA SER B 7 0.70 15.71 -11.93
C SER B 7 -0.60 16.29 -11.36
N GLY B 8 -0.54 16.88 -10.20
CA GLY B 8 -1.69 17.55 -9.63
C GLY B 8 -2.25 16.95 -8.35
N GLY B 9 -1.81 15.76 -8.02
CA GLY B 9 -2.43 15.03 -6.92
C GLY B 9 -2.30 15.73 -5.55
N GLY B 10 -3.22 15.50 -4.68
CA GLY B 10 -3.07 16.07 -3.35
C GLY B 10 -3.94 15.42 -2.29
N VAL B 11 -3.94 16.06 -1.13
CA VAL B 11 -4.83 15.76 -0.01
C VAL B 11 -5.91 16.82 0.16
N VAL B 12 -7.14 16.42 0.11
CA VAL B 12 -8.29 17.32 0.23
C VAL B 12 -9.34 16.75 1.17
N GLN B 13 -10.23 17.61 1.60
CA GLN B 13 -11.42 17.17 2.32
C GLN B 13 -12.65 17.05 1.43
N PRO B 14 -13.66 16.27 1.89
CA PRO B 14 -14.81 15.87 1.07
C PRO B 14 -15.64 17.07 0.63
N GLY B 15 -16.02 16.97 -0.63
CA GLY B 15 -16.66 18.04 -1.40
C GLY B 15 -15.74 18.92 -2.21
N ARG B 16 -14.43 18.81 -2.00
CA ARG B 16 -13.53 19.82 -2.62
C ARG B 16 -13.07 19.35 -4.00
N SER B 17 -12.26 20.11 -4.68
CA SER B 17 -11.81 19.78 -6.05
C SER B 17 -10.31 19.58 -6.22
N LEU B 18 -9.99 18.87 -7.29
CA LEU B 18 -8.62 18.82 -7.82
C LEU B 18 -8.63 18.83 -9.34
N ARG B 19 -7.50 19.09 -9.91
CA ARG B 19 -7.29 18.86 -11.35
C ARG B 19 -5.99 18.14 -11.61
N LEU B 20 -6.10 17.02 -12.28
CA LEU B 20 -4.90 16.27 -12.66
C LEU B 20 -4.51 16.58 -14.09
N SER B 21 -3.23 16.54 -14.34
CA SER B 21 -2.73 16.66 -15.71
C SER B 21 -1.72 15.57 -16.03
N CYS B 22 -1.70 15.19 -17.28
CA CYS B 22 -0.84 14.15 -17.83
C CYS B 22 -0.18 14.65 -19.10
N SER B 23 1.08 14.94 -18.94
CA SER B 23 1.87 15.49 -20.02
C SER B 23 2.58 14.37 -20.79
N SER B 24 2.59 14.45 -22.08
CA SER B 24 3.14 13.35 -22.87
C SER B 24 4.23 13.81 -23.83
N SER B 25 4.99 12.83 -24.31
CA SER B 25 6.08 12.95 -25.30
C SER B 25 6.40 11.61 -25.97
N GLY B 26 7.05 11.62 -27.10
CA GLY B 26 7.49 10.36 -27.78
C GLY B 26 6.45 9.74 -28.69
N PHE B 27 5.39 10.49 -29.03
CA PHE B 27 4.30 10.01 -29.91
C PHE B 27 3.39 11.14 -30.38
N ILE B 28 2.70 10.93 -31.46
CA ILE B 28 1.72 11.89 -32.00
C ILE B 28 0.44 11.81 -31.21
N PHE B 29 0.44 12.62 -30.18
CA PHE B 29 -0.57 12.60 -29.13
C PHE B 29 -1.99 12.59 -29.66
N SER B 30 -2.24 13.45 -30.63
CA SER B 30 -3.60 13.61 -31.18
C SER B 30 -4.16 12.39 -31.93
N SER B 31 -3.37 11.34 -32.06
CA SER B 31 -3.80 10.13 -32.75
C SER B 31 -4.44 9.09 -31.85
N TYR B 32 -4.24 9.23 -30.57
CA TYR B 32 -4.64 8.09 -29.74
C TYR B 32 -5.70 8.49 -28.72
N ALA B 33 -6.55 7.56 -28.36
CA ALA B 33 -7.42 7.74 -27.19
C ALA B 33 -6.64 7.63 -25.88
N MET B 34 -7.00 8.40 -24.89
CA MET B 34 -6.26 8.43 -23.61
C MET B 34 -7.15 8.01 -22.45
N TYR B 35 -6.57 7.38 -21.45
CA TYR B 35 -7.34 6.87 -20.30
C TYR B 35 -7.03 7.65 -19.03
N TRP B 36 -7.90 7.50 -18.04
CA TRP B 36 -7.52 7.66 -16.60
C TRP B 36 -7.93 6.41 -15.84
N VAL B 37 -7.05 5.84 -15.06
CA VAL B 37 -7.32 4.62 -14.26
C VAL B 37 -6.81 4.86 -12.85
N ARG B 38 -7.52 4.40 -11.86
CA ARG B 38 -7.10 4.65 -10.49
C ARG B 38 -6.92 3.36 -9.71
N GLN B 39 -6.22 3.48 -8.60
CA GLN B 39 -6.02 2.35 -7.68
C GLN B 39 -6.02 2.76 -6.21
N ALA B 40 -7.09 2.36 -5.55
CA ALA B 40 -7.34 2.61 -4.12
C ALA B 40 -6.47 1.66 -3.33
N PRO B 41 -5.92 2.17 -2.26
CA PRO B 41 -4.89 1.46 -1.49
C PRO B 41 -5.40 0.09 -1.05
N GLY B 42 -4.66 -0.91 -1.45
CA GLY B 42 -5.06 -2.28 -1.15
C GLY B 42 -6.03 -2.89 -2.14
N LYS B 43 -6.48 -2.12 -3.10
CA LYS B 43 -7.48 -2.62 -4.03
C LYS B 43 -6.99 -2.74 -5.46
N GLY B 44 -7.80 -3.21 -6.34
CA GLY B 44 -7.38 -3.37 -7.75
C GLY B 44 -7.46 -2.12 -8.63
N LEU B 45 -7.07 -2.29 -9.89
CA LEU B 45 -7.25 -1.25 -10.93
C LEU B 45 -8.73 -1.00 -11.23
N GLU B 46 -9.09 0.27 -11.27
CA GLU B 46 -10.45 0.72 -11.61
C GLU B 46 -10.41 1.82 -12.71
N TRP B 47 -10.90 1.50 -13.89
CA TRP B 47 -10.99 2.48 -14.99
C TRP B 47 -11.88 3.66 -14.61
N VAL B 48 -11.44 4.87 -14.92
CA VAL B 48 -12.16 6.11 -14.65
C VAL B 48 -12.82 6.71 -15.90
N ALA B 49 -12.01 6.98 -16.89
CA ALA B 49 -12.51 7.58 -18.13
C ALA B 49 -11.64 7.27 -19.34
N ILE B 50 -12.24 7.51 -20.50
CA ILE B 50 -11.56 7.54 -21.80
C ILE B 50 -11.98 8.73 -22.66
N ILE B 51 -11.06 9.30 -23.38
CA ILE B 51 -11.43 10.34 -24.34
C ILE B 51 -10.87 10.03 -25.73
N TRP B 52 -11.68 10.18 -26.75
CA TRP B 52 -11.22 9.96 -28.14
C TRP B 52 -10.08 10.90 -28.52
N ASP B 53 -9.36 10.44 -29.53
CA ASP B 53 -8.25 11.16 -30.18
C ASP B 53 -8.50 12.65 -30.40
N ASP B 54 -9.65 12.99 -30.94
CA ASP B 54 -10.06 14.37 -31.26
C ASP B 54 -10.99 14.99 -30.21
N GLY B 55 -11.21 14.26 -29.14
CA GLY B 55 -11.97 14.70 -27.96
C GLY B 55 -13.46 14.80 -28.26
N SER B 56 -13.87 14.20 -29.36
CA SER B 56 -15.26 14.32 -29.80
C SER B 56 -16.27 13.56 -28.93
N ASP B 57 -15.75 12.66 -28.15
CA ASP B 57 -16.55 11.94 -27.19
C ASP B 57 -15.69 11.41 -26.05
N GLN B 58 -16.34 11.21 -24.94
CA GLN B 58 -15.71 10.84 -23.66
C GLN B 58 -16.65 9.92 -22.89
N HIS B 59 -16.11 8.91 -22.24
CA HIS B 59 -16.94 7.97 -21.46
C HIS B 59 -16.38 7.80 -20.07
N TYR B 60 -17.25 7.63 -19.11
CA TYR B 60 -16.93 7.61 -17.68
C TYR B 60 -17.39 6.35 -16.97
N ALA B 61 -16.68 6.01 -15.87
CA ALA B 61 -17.18 5.00 -14.91
C ALA B 61 -18.45 5.49 -14.23
N ASP B 62 -19.44 4.67 -14.00
CA ASP B 62 -20.64 5.10 -13.26
C ASP B 62 -20.40 5.90 -11.97
N SER B 63 -19.45 5.46 -11.15
CA SER B 63 -19.11 6.11 -9.87
C SER B 63 -18.65 7.56 -9.94
N VAL B 64 -18.35 8.02 -11.13
CA VAL B 64 -17.65 9.27 -11.32
C VAL B 64 -18.35 10.25 -12.26
N LYS B 65 -19.35 9.72 -12.90
CA LYS B 65 -20.05 10.45 -13.95
C LYS B 65 -20.69 11.71 -13.37
N GLY B 66 -20.35 12.83 -13.94
CA GLY B 66 -20.94 14.08 -13.48
C GLY B 66 -20.07 14.82 -12.48
N ARG B 67 -19.22 14.12 -11.74
CA ARG B 67 -18.25 14.82 -10.89
C ARG B 67 -16.89 15.07 -11.54
N PHE B 68 -16.54 14.16 -12.46
CA PHE B 68 -15.25 14.19 -13.17
C PHE B 68 -15.43 14.63 -14.62
N THR B 69 -14.52 15.42 -15.12
CA THR B 69 -14.46 15.73 -16.57
C THR B 69 -13.08 15.42 -17.17
N ILE B 70 -13.06 14.57 -18.18
CA ILE B 70 -11.85 14.33 -18.97
C ILE B 70 -11.77 15.26 -20.18
N SER B 71 -10.65 15.87 -20.41
CA SER B 71 -10.53 16.70 -21.57
C SER B 71 -9.07 16.67 -21.98
N ARG B 72 -8.76 17.20 -23.13
CA ARG B 72 -7.40 17.15 -23.64
C ARG B 72 -7.03 18.37 -24.45
N ASN B 73 -5.78 18.59 -24.58
CA ASN B 73 -5.29 19.71 -25.38
C ASN B 73 -4.21 19.25 -26.36
N ASP B 74 -4.66 18.80 -27.53
CA ASP B 74 -3.77 18.18 -28.53
C ASP B 74 -2.69 19.16 -29.01
N SER B 75 -2.92 20.40 -28.73
CA SER B 75 -1.96 21.43 -29.00
C SER B 75 -0.82 21.34 -28.00
N LYS B 76 -1.14 21.07 -26.76
CA LYS B 76 -0.04 20.98 -25.80
C LYS B 76 0.28 19.56 -25.38
N ASN B 77 -0.26 18.58 -26.10
CA ASN B 77 -0.06 17.14 -25.81
C ASN B 77 -0.34 16.78 -24.34
N THR B 78 -1.40 17.34 -23.75
CA THR B 78 -1.78 17.14 -22.33
C THR B 78 -3.20 16.67 -22.15
N LEU B 79 -3.35 15.76 -21.25
CA LEU B 79 -4.63 15.22 -20.78
C LEU B 79 -4.95 15.73 -19.36
N PHE B 80 -6.18 16.18 -19.18
CA PHE B 80 -6.70 16.65 -17.89
C PHE B 80 -7.74 15.71 -17.31
N LEU B 81 -7.85 15.82 -15.99
CA LEU B 81 -8.94 15.25 -15.19
C LEU B 81 -9.45 16.24 -14.13
N GLN B 82 -10.58 16.89 -14.39
CA GLN B 82 -11.18 17.81 -13.40
C GLN B 82 -12.07 17.04 -12.45
N MET B 83 -11.66 17.03 -11.22
CA MET B 83 -12.35 16.19 -10.23
C MET B 83 -13.11 17.05 -9.24
N ASP B 84 -14.41 17.07 -9.36
CA ASP B 84 -15.25 17.92 -8.52
C ASP B 84 -15.96 17.09 -7.45
N SER B 85 -16.38 17.75 -6.38
CA SER B 85 -17.14 17.15 -5.28
C SER B 85 -16.68 15.76 -4.87
N LEU B 86 -15.40 15.76 -4.63
CA LEU B 86 -14.58 14.59 -4.29
C LEU B 86 -15.03 13.91 -3.01
N ARG B 87 -15.04 12.61 -3.05
CA ARG B 87 -15.51 11.71 -1.99
C ARG B 87 -14.41 10.77 -1.50
N PRO B 88 -14.44 10.39 -0.24
CA PRO B 88 -13.34 9.63 0.38
C PRO B 88 -13.07 8.33 -0.37
N GLU B 89 -14.07 7.82 -1.05
CA GLU B 89 -13.91 6.66 -1.91
C GLU B 89 -13.19 6.94 -3.22
N ASP B 90 -12.83 8.17 -3.43
CA ASP B 90 -12.04 8.53 -4.59
C ASP B 90 -10.56 8.55 -4.25
N THR B 91 -10.21 8.12 -3.07
CA THR B 91 -8.79 8.11 -2.71
C THR B 91 -8.09 6.99 -3.50
N GLY B 92 -6.93 7.31 -4.04
CA GLY B 92 -6.23 6.34 -4.89
C GLY B 92 -4.98 6.92 -5.52
N VAL B 93 -4.28 6.08 -6.28
CA VAL B 93 -3.25 6.55 -7.22
C VAL B 93 -3.91 6.66 -8.59
N TYR B 94 -3.74 7.81 -9.23
CA TYR B 94 -4.29 8.01 -10.58
C TYR B 94 -3.24 7.91 -11.69
N PHE B 95 -3.49 7.01 -12.59
CA PHE B 95 -2.67 6.79 -13.78
C PHE B 95 -3.36 7.36 -15.03
N CYS B 96 -2.61 8.00 -15.87
CA CYS B 96 -3.03 8.08 -17.27
C CYS B 96 -2.37 6.97 -18.10
N ALA B 97 -3.03 6.65 -19.17
CA ALA B 97 -2.54 5.64 -20.11
C ALA B 97 -2.90 6.04 -21.54
N ARG B 98 -2.12 5.56 -22.46
CA ARG B 98 -2.45 5.64 -23.89
C ARG B 98 -3.27 4.42 -24.33
N ASP B 99 -4.27 4.63 -25.15
CA ASP B 99 -4.92 3.55 -25.89
C ASP B 99 -4.09 3.20 -27.14
N GLY B 100 -3.81 1.94 -27.31
CA GLY B 100 -2.81 1.54 -28.30
C GLY B 100 -3.35 1.43 -29.73
N GLY B 101 -4.64 1.61 -29.88
CA GLY B 101 -5.31 1.47 -31.17
C GLY B 101 -5.59 2.78 -31.90
N HIS B 102 -6.67 2.78 -32.62
CA HIS B 102 -6.94 3.78 -33.66
C HIS B 102 -7.93 4.86 -33.23
N GLY B 103 -7.66 5.40 -32.05
CA GLY B 103 -8.21 6.66 -31.57
C GLY B 103 -9.47 6.53 -30.73
N PHE B 104 -10.05 5.34 -30.69
CA PHE B 104 -11.32 5.07 -29.99
C PHE B 104 -11.54 3.59 -29.73
N CYS B 105 -12.53 3.28 -28.94
CA CYS B 105 -12.98 1.95 -28.62
C CYS B 105 -14.45 1.77 -28.97
N SER B 106 -14.79 0.64 -29.52
CA SER B 106 -16.17 0.41 -29.99
C SER B 106 -16.47 -1.09 -29.99
N SER B 107 -17.66 -1.42 -30.45
CA SER B 107 -18.08 -2.79 -30.74
C SER B 107 -17.20 -3.46 -31.79
N ALA B 108 -16.56 -2.67 -32.60
CA ALA B 108 -15.62 -3.17 -33.61
C ALA B 108 -14.28 -3.59 -33.02
N SER B 109 -13.79 -2.75 -32.13
CA SER B 109 -12.38 -2.83 -31.72
C SER B 109 -12.08 -2.03 -30.47
N CYS B 110 -11.21 -2.54 -29.59
CA CYS B 110 -10.63 -1.75 -28.49
C CYS B 110 -9.28 -2.31 -28.05
N PHE B 111 -8.23 -1.66 -28.47
CA PHE B 111 -6.91 -2.15 -28.11
C PHE B 111 -6.76 -2.20 -26.59
N GLY B 112 -7.00 -1.09 -25.94
CA GLY B 112 -6.76 -1.01 -24.49
C GLY B 112 -5.44 -0.30 -24.18
N PRO B 113 -5.23 -0.03 -22.89
CA PRO B 113 -4.06 0.73 -22.41
C PRO B 113 -2.72 0.10 -22.81
N ASP B 114 -1.86 0.82 -23.46
CA ASP B 114 -0.61 0.17 -23.78
C ASP B 114 0.58 0.68 -22.97
N TYR B 115 0.78 1.94 -23.01
CA TYR B 115 1.72 2.57 -22.12
C TYR B 115 0.99 3.31 -21.01
N TRP B 116 1.59 3.31 -19.84
CA TRP B 116 1.06 3.89 -18.61
C TRP B 116 2.02 4.97 -18.10
N GLY B 117 1.49 5.88 -17.27
CA GLY B 117 2.31 6.82 -16.52
C GLY B 117 2.72 6.23 -15.17
N GLN B 118 3.23 7.07 -14.30
CA GLN B 118 3.76 6.63 -13.01
C GLN B 118 2.76 6.70 -11.85
N GLY B 119 1.71 7.49 -12.01
CA GLY B 119 0.70 7.68 -10.99
C GLY B 119 0.90 9.01 -10.24
N THR B 120 -0.19 9.58 -9.86
CA THR B 120 -0.27 10.70 -8.93
C THR B 120 -1.34 10.44 -7.87
N PRO B 121 -0.94 10.44 -6.60
CA PRO B 121 -1.81 10.03 -5.46
C PRO B 121 -2.84 11.10 -5.09
N VAL B 122 -4.04 10.67 -4.84
CA VAL B 122 -5.13 11.49 -4.38
C VAL B 122 -5.67 10.95 -3.07
N THR B 123 -5.67 11.79 -2.07
CA THR B 123 -6.24 11.45 -0.73
C THR B 123 -7.38 12.39 -0.35
N VAL B 124 -8.56 11.86 -0.24
CA VAL B 124 -9.76 12.54 0.23
C VAL B 124 -10.21 11.97 1.57
N SER B 125 -10.13 12.79 2.57
CA SER B 125 -10.41 12.39 3.96
C SER B 125 -11.13 13.48 4.75
N SER B 126 -11.93 13.02 5.68
CA SER B 126 -12.61 13.85 6.66
C SER B 126 -11.67 14.45 7.67
N ALA B 127 -10.50 13.84 7.79
CA ALA B 127 -9.44 14.38 8.68
C ALA B 127 -8.92 15.73 8.20
N SER B 128 -8.40 16.48 9.12
CA SER B 128 -7.59 17.65 8.76
C SER B 128 -6.12 17.43 9.08
N THR B 129 -5.27 18.27 8.61
CA THR B 129 -3.87 18.21 8.98
C THR B 129 -3.64 18.36 10.49
N LYS B 130 -2.99 17.36 11.04
CA LYS B 130 -2.61 17.25 12.43
C LYS B 130 -1.11 16.96 12.46
N GLY B 131 -0.31 17.76 13.13
CA GLY B 131 1.05 17.32 13.53
C GLY B 131 1.02 16.18 14.57
N PRO B 132 2.09 15.41 14.61
CA PRO B 132 2.23 14.27 15.53
C PRO B 132 2.57 14.71 16.94
N SER B 133 2.15 13.82 17.84
CA SER B 133 2.71 13.76 19.20
C SER B 133 3.83 12.72 19.28
N VAL B 134 4.97 13.18 19.76
CA VAL B 134 6.20 12.37 19.75
C VAL B 134 6.65 11.87 21.12
N PHE B 135 6.55 10.56 21.33
CA PHE B 135 6.98 9.93 22.59
C PHE B 135 8.22 9.03 22.46
N PRO B 136 9.12 9.15 23.38
CA PRO B 136 10.26 8.26 23.38
C PRO B 136 9.89 6.86 23.87
N LEU B 137 10.44 5.85 23.23
CA LEU B 137 10.27 4.45 23.62
C LEU B 137 11.56 3.91 24.22
N ALA B 138 11.67 4.16 25.52
CA ALA B 138 12.94 4.04 26.25
C ALA B 138 13.46 2.61 26.27
N PRO B 139 14.76 2.47 26.18
CA PRO B 139 15.45 1.17 26.20
C PRO B 139 15.26 0.47 27.55
N SER B 140 14.77 -0.75 27.52
CA SER B 140 14.45 -1.47 28.78
C SER B 140 15.68 -2.02 29.50
N SER B 141 15.65 -1.93 30.84
CA SER B 141 16.71 -2.52 31.69
C SER B 141 16.69 -4.05 31.72
N LYS B 142 15.58 -4.60 31.31
CA LYS B 142 15.44 -6.04 31.20
C LYS B 142 16.29 -6.54 30.05
N SER B 143 17.29 -7.29 30.40
CA SER B 143 18.21 -7.84 29.41
C SER B 143 17.50 -8.69 28.34
N THR B 144 18.15 -8.82 27.18
CA THR B 144 17.73 -9.88 26.27
C THR B 144 18.88 -10.78 25.77
N SER B 145 18.58 -12.03 25.49
CA SER B 145 19.64 -12.92 25.00
C SER B 145 20.26 -12.37 23.71
N GLY B 146 21.53 -11.99 23.79
CA GLY B 146 22.20 -11.35 22.66
C GLY B 146 22.79 -9.98 23.00
N GLY B 147 23.32 -9.33 21.98
CA GLY B 147 23.95 -8.01 22.08
C GLY B 147 22.99 -6.92 21.61
N THR B 148 21.77 -7.02 22.09
CA THR B 148 20.65 -6.17 21.68
C THR B 148 20.11 -5.34 22.84
N ALA B 149 19.88 -4.09 22.55
CA ALA B 149 19.00 -3.18 23.25
C ALA B 149 18.14 -2.50 22.22
N ALA B 150 16.86 -2.45 22.41
CA ALA B 150 16.02 -1.68 21.47
C ALA B 150 15.53 -0.39 22.11
N LEU B 151 15.68 0.69 21.38
CA LEU B 151 14.97 1.92 21.71
C LEU B 151 14.32 2.63 20.51
N GLY B 152 13.35 3.49 20.70
CA GLY B 152 12.65 4.04 19.53
C GLY B 152 11.96 5.38 19.76
N CYS B 153 11.12 5.74 18.80
CA CYS B 153 10.13 6.82 18.99
C CYS B 153 8.76 6.46 18.42
N LEU B 154 7.76 6.88 19.15
CA LEU B 154 6.35 6.72 18.80
C LEU B 154 5.80 8.03 18.25
N VAL B 155 5.43 7.99 16.99
CA VAL B 155 4.97 9.15 16.26
C VAL B 155 3.47 9.07 16.01
N LYS B 156 2.80 9.63 16.94
CA LYS B 156 1.40 9.24 17.17
C LYS B 156 0.42 10.31 16.70
N ASP B 157 -0.66 9.83 16.10
CA ASP B 157 -1.86 10.55 15.59
C ASP B 157 -1.60 11.76 14.70
N TYR B 158 -0.98 11.53 13.53
CA TYR B 158 -0.73 12.60 12.57
C TYR B 158 -1.66 12.46 11.34
N PHE B 159 -1.75 13.53 10.56
CA PHE B 159 -2.36 13.53 9.22
C PHE B 159 -1.86 14.75 8.44
N PRO B 160 -1.56 14.53 7.17
CA PRO B 160 -1.54 13.20 6.50
C PRO B 160 -0.16 12.52 6.58
N GLN B 161 0.00 11.45 5.85
CA GLN B 161 1.33 10.91 5.53
C GLN B 161 1.99 11.90 4.59
N PRO B 162 3.29 11.88 4.53
CA PRO B 162 4.15 11.00 5.30
C PRO B 162 4.72 11.75 6.47
N VAL B 163 5.59 11.12 7.20
CA VAL B 163 6.48 11.77 8.19
C VAL B 163 7.89 11.26 7.94
N THR B 164 8.84 12.10 8.22
CA THR B 164 10.25 11.81 8.14
C THR B 164 10.81 11.61 9.54
N VAL B 165 11.41 10.45 9.80
CA VAL B 165 12.16 10.25 11.04
C VAL B 165 13.61 9.90 10.77
N SER B 166 14.53 10.60 11.34
CA SER B 166 15.91 10.18 11.31
C SER B 166 16.40 10.18 12.76
N TRP B 167 17.63 9.68 12.96
CA TRP B 167 18.27 9.47 14.26
C TRP B 167 19.60 10.20 14.33
N ASN B 168 19.79 10.88 15.41
CA ASN B 168 21.02 11.64 15.66
C ASN B 168 21.36 12.51 14.45
N SER B 169 20.30 13.08 13.98
CA SER B 169 20.25 13.97 12.87
C SER B 169 20.73 13.28 11.62
N GLY B 170 20.38 12.03 11.55
CA GLY B 170 20.69 11.21 10.36
C GLY B 170 22.14 10.75 10.32
N ALA B 171 22.88 11.12 11.35
CA ALA B 171 24.23 10.59 11.57
C ALA B 171 24.22 9.16 12.10
N LEU B 172 23.01 8.63 12.31
CA LEU B 172 22.81 7.22 12.70
C LEU B 172 21.91 6.48 11.74
N THR B 173 22.45 5.55 11.05
CA THR B 173 21.62 4.83 10.10
C THR B 173 21.68 3.33 10.33
N SER B 174 22.66 2.98 11.11
CA SER B 174 22.96 1.60 11.45
C SER B 174 21.91 1.06 12.42
N GLY B 175 21.15 0.07 11.96
CA GLY B 175 20.21 -0.65 12.84
C GLY B 175 18.96 0.13 13.26
N VAL B 176 18.69 1.11 12.47
CA VAL B 176 17.35 1.75 12.45
C VAL B 176 16.34 0.95 11.63
N HIS B 177 15.19 0.75 12.20
CA HIS B 177 14.01 0.21 11.53
C HIS B 177 12.75 1.04 11.81
N THR B 178 12.28 1.73 10.79
CA THR B 178 11.06 2.55 10.88
C THR B 178 9.92 1.80 10.21
N PHE B 179 8.92 1.44 10.98
CA PHE B 179 7.83 0.59 10.50
C PHE B 179 6.81 1.42 9.73
N PRO B 180 6.14 0.72 8.87
CA PRO B 180 4.92 1.23 8.22
C PRO B 180 3.88 1.69 9.23
N ALA B 181 3.35 2.87 8.98
CA ALA B 181 2.36 3.49 9.87
C ALA B 181 1.04 2.74 9.91
N VAL B 182 0.37 2.72 11.07
CA VAL B 182 -1.03 2.25 11.17
C VAL B 182 -2.02 3.40 10.85
N LEU B 183 -3.08 3.10 10.14
CA LEU B 183 -4.20 4.06 9.91
C LEU B 183 -5.34 3.77 10.86
N GLN B 184 -5.35 4.46 11.95
CA GLN B 184 -6.34 4.19 12.98
C GLN B 184 -7.77 4.57 12.56
N SER B 185 -8.71 4.03 13.30
CA SER B 185 -10.14 4.33 13.15
C SER B 185 -10.47 5.82 13.19
N SER B 186 -9.63 6.58 13.83
CA SER B 186 -9.66 8.04 13.89
C SER B 186 -9.65 8.68 12.52
N GLY B 187 -8.92 8.04 11.63
CA GLY B 187 -8.50 8.73 10.42
C GLY B 187 -7.08 9.26 10.51
N LEU B 188 -6.51 9.11 11.68
CA LEU B 188 -5.12 9.54 11.92
C LEU B 188 -4.16 8.36 11.84
N TYR B 189 -2.90 8.67 11.61
CA TYR B 189 -1.82 7.69 11.53
C TYR B 189 -0.93 7.69 12.79
N SER B 190 -0.28 6.57 12.97
CA SER B 190 0.78 6.44 13.98
C SER B 190 1.87 5.52 13.44
N LEU B 191 3.11 5.87 13.64
CA LEU B 191 4.21 4.95 13.33
C LEU B 191 5.21 4.78 14.46
N SER B 192 6.03 3.74 14.32
CA SER B 192 7.18 3.58 15.24
C SER B 192 8.46 3.30 14.49
N SER B 193 9.50 3.84 15.03
CA SER B 193 10.87 3.84 14.50
C SER B 193 11.87 3.41 15.58
N VAL B 194 12.50 2.28 15.40
CA VAL B 194 13.32 1.65 16.44
C VAL B 194 14.77 1.59 16.01
N VAL B 195 15.66 1.67 16.98
CA VAL B 195 17.05 1.33 16.76
C VAL B 195 17.51 0.26 17.72
N THR B 196 17.93 -0.83 17.14
CA THR B 196 18.56 -1.91 17.90
C THR B 196 20.05 -1.63 18.01
N VAL B 197 20.49 -1.38 19.21
CA VAL B 197 21.89 -1.03 19.54
C VAL B 197 22.53 -2.05 20.49
N PRO B 198 23.83 -2.22 20.45
CA PRO B 198 24.53 -3.13 21.39
C PRO B 198 24.52 -2.59 22.81
N SER B 199 23.93 -3.37 23.68
CA SER B 199 23.55 -2.83 24.99
C SER B 199 24.69 -2.19 25.78
N SER B 200 25.91 -2.41 25.37
CA SER B 200 27.07 -1.74 25.96
C SER B 200 27.05 -0.22 25.83
N SER B 201 26.51 0.24 24.72
CA SER B 201 26.52 1.67 24.29
C SER B 201 25.50 2.52 25.03
N LEU B 202 24.46 1.80 25.40
CA LEU B 202 23.24 2.36 25.96
C LEU B 202 23.64 3.03 27.26
N GLY B 203 23.57 4.32 27.30
CA GLY B 203 24.18 4.98 28.44
C GLY B 203 25.59 5.52 28.24
N THR B 204 26.38 4.89 27.36
CA THR B 204 27.64 5.51 26.90
C THR B 204 27.40 6.56 25.82
N GLN B 205 26.24 6.50 25.19
CA GLN B 205 25.91 7.34 24.02
C GLN B 205 24.51 8.00 24.07
N THR B 206 24.26 8.97 23.19
CA THR B 206 22.98 9.71 23.19
C THR B 206 22.16 9.59 21.90
N TYR B 207 20.91 9.27 22.06
CA TYR B 207 20.03 8.96 20.93
C TYR B 207 18.82 9.90 20.87
N ILE B 208 18.72 10.61 19.81
CA ILE B 208 17.59 11.53 19.65
C ILE B 208 16.96 11.25 18.30
N CYS B 209 15.67 11.07 18.27
CA CYS B 209 14.98 10.96 16.98
C CYS B 209 14.44 12.31 16.52
N ASN B 210 14.71 12.64 15.28
CA ASN B 210 14.31 13.91 14.66
C ASN B 210 13.09 13.70 13.75
N VAL B 211 12.00 14.29 14.13
CA VAL B 211 10.72 13.99 13.48
C VAL B 211 10.22 15.24 12.76
N ASN B 212 10.00 15.07 11.47
CA ASN B 212 9.61 16.17 10.59
C ASN B 212 8.32 15.85 9.85
N HIS B 213 7.32 16.62 10.16
CA HIS B 213 6.01 16.44 9.54
C HIS B 213 5.68 17.59 8.62
N LYS B 214 6.25 17.56 7.42
CA LYS B 214 6.18 18.69 6.49
C LYS B 214 4.82 19.38 6.31
N PRO B 215 3.76 18.60 6.04
CA PRO B 215 2.37 19.11 5.91
C PRO B 215 1.85 20.04 7.01
N SER B 216 2.23 19.78 8.24
CA SER B 216 1.94 20.67 9.38
C SER B 216 3.03 21.68 9.64
N ASN B 217 4.24 21.34 9.18
CA ASN B 217 5.44 22.03 9.64
C ASN B 217 5.76 21.78 11.12
N THR B 218 5.48 20.56 11.57
CA THR B 218 5.81 20.14 12.94
C THR B 218 7.15 19.40 13.00
N LYS B 219 8.16 20.08 13.53
CA LYS B 219 9.50 19.49 13.71
C LYS B 219 9.80 19.29 15.18
N VAL B 220 10.03 18.04 15.56
CA VAL B 220 10.26 17.64 16.95
C VAL B 220 11.46 16.69 17.12
N ASP B 221 12.34 17.02 18.03
CA ASP B 221 13.43 16.14 18.41
C ASP B 221 13.20 15.55 19.80
N LYS B 222 13.11 14.25 19.86
CA LYS B 222 12.93 13.65 21.18
C LYS B 222 14.22 12.97 21.63
N ARG B 223 14.78 13.32 22.78
CA ARG B 223 15.90 12.55 23.36
C ARG B 223 15.41 11.25 23.98
N VAL B 224 16.01 10.14 23.59
CA VAL B 224 15.57 8.84 24.13
C VAL B 224 16.57 8.18 25.07
N GLU B 225 16.15 8.19 26.31
CA GLU B 225 17.04 7.96 27.44
C GLU B 225 16.61 6.76 28.27
N PRO B 226 17.57 5.99 28.74
CA PRO B 226 17.35 4.90 29.73
C PRO B 226 16.65 5.45 30.96
N LYS B 227 15.64 4.71 31.40
CA LYS B 227 14.91 5.04 32.62
C LYS B 227 15.82 4.89 33.83
N SER B 228 15.54 5.67 34.87
CA SER B 228 16.39 5.89 36.05
C SER B 228 16.67 4.65 36.89
N CYS B 229 16.60 3.50 36.26
CA CYS B 229 16.61 2.19 36.93
C CYS B 229 17.83 1.34 36.58
#